data_5ESW
#
_entry.id   5ESW
#
_cell.length_a   66.020
_cell.length_b   67.892
_cell.length_c   94.789
_cell.angle_alpha   90.00
_cell.angle_beta   90.00
_cell.angle_gamma   90.00
#
_symmetry.space_group_name_H-M   'P 21 21 21'
#
loop_
_entity.id
_entity.type
_entity.pdbx_description
1 polymer 'Purine/pyrimidine phosphoribosyltransferase'
2 non-polymer 'PHOSPHATE ION'
3 water water
#
_entity_poly.entity_id   1
_entity_poly.type   'polypeptide(L)'
_entity_poly.pdbx_seq_one_letter_code
;MGHHHHHHMTIPDKIKAVYEKSTCLYTSNEVEAALDRMAIKIHETLQDKNPVIICVMVGGLVPLGNLLHRLDFPLEVDYV
HATRYRGDLTGGDILWKVRPSSNLAGRTVLVVDDILDGGITLAAIINEIKAMGAAEVYSAVLVDKYRKRVPNGLQKADFV
GLQVEDHYIFGYGMDYHEYLRNAPGIFIVHPDHEASK
;
_entity_poly.pdbx_strand_id   A,B
#
# COMPACT_ATOMS: atom_id res chain seq x y z
N HIS A 7 -24.31 16.78 21.07
CA HIS A 7 -23.35 15.92 20.29
C HIS A 7 -22.41 15.10 21.17
N HIS A 8 -22.57 13.79 21.04
CA HIS A 8 -21.88 12.88 21.92
C HIS A 8 -20.49 12.56 21.48
N MET A 9 -19.76 11.89 22.37
CA MET A 9 -18.41 11.43 22.06
C MET A 9 -18.41 10.62 20.76
N THR A 10 -17.47 10.97 19.89
CA THR A 10 -17.25 10.28 18.65
C THR A 10 -16.17 9.19 18.73
N ILE A 11 -16.17 8.38 17.72
CA ILE A 11 -15.15 7.34 17.57
C ILE A 11 -13.73 7.94 17.48
N PRO A 12 -13.55 8.97 16.66
CA PRO A 12 -12.24 9.60 16.59
C PRO A 12 -11.77 10.14 17.94
N ASP A 13 -12.67 10.70 18.75
CA ASP A 13 -12.27 11.16 20.09
C ASP A 13 -11.76 10.00 20.94
N LYS A 14 -12.48 8.90 20.90
CA LYS A 14 -12.01 7.73 21.63
C LYS A 14 -10.66 7.20 21.08
N ILE A 15 -10.49 7.24 19.77
CA ILE A 15 -9.23 6.91 19.15
C ILE A 15 -8.08 7.73 19.69
N LYS A 16 -8.30 9.02 19.82
CA LYS A 16 -7.24 9.88 20.39
C LYS A 16 -6.89 9.48 21.79
N ALA A 17 -7.91 9.10 22.57
CA ALA A 17 -7.64 8.71 23.94
C ALA A 17 -6.87 7.39 23.96
N VAL A 18 -7.23 6.47 23.10
CA VAL A 18 -6.48 5.21 23.05
C VAL A 18 -4.99 5.45 22.74
N TYR A 19 -4.74 6.27 21.74
CA TYR A 19 -3.39 6.55 21.32
C TYR A 19 -2.60 7.24 22.44
N GLU A 20 -3.22 8.22 23.08
CA GLU A 20 -2.64 8.94 24.21
C GLU A 20 -2.25 8.03 25.39
N LYS A 21 -3.09 7.10 25.73
CA LYS A 21 -2.78 6.19 26.82
C LYS A 21 -1.92 4.98 26.42
N SER A 22 -1.72 4.77 25.13
CA SER A 22 -0.99 3.58 24.67
C SER A 22 0.48 3.63 25.07
N THR A 23 1.12 2.47 25.06
CA THR A 23 2.51 2.33 25.42
C THR A 23 3.31 2.00 24.14
N CYS A 24 4.42 2.66 23.93
CA CYS A 24 5.24 2.43 22.77
C CYS A 24 6.16 1.23 22.97
N LEU A 25 5.95 0.19 22.15
CA LEU A 25 6.72 -1.04 22.19
C LEU A 25 7.94 -0.91 21.26
N TYR A 26 7.72 -0.36 20.07
CA TYR A 26 8.78 -0.09 19.18
C TYR A 26 8.64 1.24 18.53
N THR A 27 9.73 1.99 18.50
CA THR A 27 9.75 3.28 17.85
C THR A 27 9.75 3.12 16.35
N SER A 28 9.45 4.20 15.66
CA SER A 28 9.51 4.18 14.22
C SER A 28 10.91 3.82 13.74
N ASN A 29 11.93 4.31 14.42
CA ASN A 29 13.33 3.97 14.06
C ASN A 29 13.62 2.50 14.16
N GLU A 30 13.14 1.89 15.23
CA GLU A 30 13.28 0.44 15.38
C GLU A 30 12.50 -0.35 14.32
N VAL A 31 11.34 0.15 13.89
CA VAL A 31 10.60 -0.45 12.82
C VAL A 31 11.34 -0.35 11.48
N GLU A 32 11.80 0.84 11.14
CA GLU A 32 12.61 1.00 9.93
C GLU A 32 13.81 0.06 9.96
N ALA A 33 14.41 -0.10 11.12
CA ALA A 33 15.61 -0.97 11.20
C ALA A 33 15.21 -2.43 10.98
N ALA A 34 14.04 -2.81 11.50
CA ALA A 34 13.56 -4.15 11.24
C ALA A 34 13.26 -4.41 9.73
N LEU A 35 12.68 -3.42 9.05
CA LEU A 35 12.45 -3.50 7.63
C LEU A 35 13.76 -3.68 6.84
N ASP A 36 14.81 -2.98 7.25
CA ASP A 36 16.16 -3.15 6.67
C ASP A 36 16.68 -4.55 6.83
N ARG A 37 16.55 -5.11 8.03
CA ARG A 37 16.93 -6.51 8.21
C ARG A 37 16.08 -7.42 7.33
N MET A 38 14.76 -7.25 7.29
CA MET A 38 13.90 -8.12 6.39
C MET A 38 14.36 -8.04 4.91
N ALA A 39 14.62 -6.80 4.48
CA ALA A 39 15.04 -6.54 3.10
C ALA A 39 16.29 -7.32 2.75
N ILE A 40 17.24 -7.37 3.67
CA ILE A 40 18.47 -8.10 3.41
C ILE A 40 18.21 -9.57 3.25
N LYS A 41 17.40 -10.12 4.15
CA LYS A 41 17.01 -11.51 4.08
C LYS A 41 16.25 -11.85 2.78
N ILE A 42 15.37 -10.96 2.37
CA ILE A 42 14.49 -11.20 1.23
C ILE A 42 15.32 -11.17 -0.02
N HIS A 43 16.29 -10.27 -0.04
CA HIS A 43 17.23 -10.15 -1.16
C HIS A 43 18.05 -11.44 -1.36
N GLU A 44 18.63 -11.95 -0.27
CA GLU A 44 19.47 -13.16 -0.33
C GLU A 44 18.70 -14.35 -0.88
N THR A 45 17.44 -14.48 -0.46
CA THR A 45 16.58 -15.59 -0.89
C THR A 45 15.90 -15.40 -2.25
N LEU A 46 15.56 -14.17 -2.63
CA LEU A 46 14.64 -13.96 -3.76
C LEU A 46 15.16 -13.17 -4.96
N GLN A 47 16.32 -12.59 -4.86
CA GLN A 47 16.81 -11.65 -5.86
C GLN A 47 16.80 -12.24 -7.26
N ASP A 48 17.06 -13.53 -7.38
CA ASP A 48 17.08 -14.18 -8.69
C ASP A 48 15.76 -14.78 -9.11
N LYS A 49 14.70 -14.61 -8.32
CA LYS A 49 13.46 -15.36 -8.56
C LYS A 49 12.33 -14.63 -9.32
N ASN A 50 12.54 -13.38 -9.68
CA ASN A 50 11.51 -12.63 -10.43
C ASN A 50 10.14 -12.68 -9.77
N PRO A 51 10.06 -12.44 -8.46
CA PRO A 51 8.81 -12.63 -7.72
C PRO A 51 7.68 -11.61 -8.03
N VAL A 52 6.45 -12.10 -7.89
CA VAL A 52 5.30 -11.26 -7.67
C VAL A 52 5.15 -11.05 -6.14
N ILE A 53 5.15 -9.80 -5.75
CA ILE A 53 4.98 -9.48 -4.35
C ILE A 53 3.55 -9.05 -4.17
N ILE A 54 2.86 -9.78 -3.30
CA ILE A 54 1.46 -9.56 -3.09
C ILE A 54 1.15 -8.98 -1.74
N CYS A 55 0.45 -7.88 -1.78
CA CYS A 55 -0.01 -7.22 -0.56
C CYS A 55 -1.33 -7.82 -0.09
N VAL A 56 -1.37 -8.23 1.16
CA VAL A 56 -2.62 -8.67 1.77
C VAL A 56 -3.35 -7.46 2.36
N MET A 57 -4.43 -7.04 1.71
CA MET A 57 -5.12 -5.79 2.05
C MET A 57 -5.94 -5.98 3.31
N VAL A 58 -6.04 -4.96 4.16
CA VAL A 58 -5.42 -3.64 4.05
C VAL A 58 -4.09 -3.53 4.88
N GLY A 59 -3.87 -4.48 5.76
CA GLY A 59 -2.77 -4.43 6.72
C GLY A 59 -1.39 -4.46 6.12
N GLY A 60 -1.29 -5.13 4.98
CA GLY A 60 -0.05 -5.18 4.26
C GLY A 60 0.44 -3.90 3.65
N LEU A 61 -0.41 -2.90 3.54
CA LEU A 61 -0.12 -1.77 2.68
C LEU A 61 1.01 -0.90 3.19
N VAL A 62 0.99 -0.54 4.47
CA VAL A 62 2.07 0.28 4.97
C VAL A 62 3.42 -0.45 5.07
N PRO A 63 3.44 -1.71 5.55
CA PRO A 63 4.70 -2.41 5.59
C PRO A 63 5.24 -2.64 4.19
N LEU A 64 4.39 -3.00 3.25
CA LEU A 64 4.84 -3.25 1.89
C LEU A 64 5.39 -2.01 1.25
N GLY A 65 4.68 -0.90 1.38
CA GLY A 65 5.11 0.35 0.74
C GLY A 65 6.48 0.78 1.25
N ASN A 66 6.70 0.59 2.53
CA ASN A 66 7.98 0.94 3.12
C ASN A 66 9.05 -0.04 2.76
N LEU A 67 8.68 -1.29 2.54
CA LEU A 67 9.67 -2.32 2.27
C LEU A 67 10.14 -2.26 0.81
N LEU A 68 9.25 -1.85 -0.06
CA LEU A 68 9.44 -2.03 -1.47
C LEU A 68 10.67 -1.35 -1.99
N HIS A 69 10.85 -0.08 -1.63
CA HIS A 69 11.98 0.70 -2.10
C HIS A 69 13.31 0.28 -1.46
N ARG A 70 13.30 -0.71 -0.57
CA ARG A 70 14.52 -1.33 -0.07
C ARG A 70 14.89 -2.58 -0.83
N LEU A 71 14.02 -3.09 -1.67
CA LEU A 71 14.29 -4.34 -2.37
C LEU A 71 14.95 -4.14 -3.72
N ASP A 72 16.23 -4.46 -3.81
CA ASP A 72 17.04 -4.12 -5.01
C ASP A 72 17.13 -5.28 -6.01
N PHE A 73 16.03 -5.65 -6.64
CA PHE A 73 16.01 -6.70 -7.67
C PHE A 73 14.68 -6.58 -8.43
N PRO A 74 14.60 -7.16 -9.62
CA PRO A 74 13.36 -7.11 -10.37
C PRO A 74 12.22 -7.83 -9.69
N LEU A 75 11.08 -7.14 -9.61
CA LEU A 75 9.87 -7.67 -9.04
C LEU A 75 8.63 -6.92 -9.53
N GLU A 76 7.47 -7.57 -9.38
CA GLU A 76 6.17 -7.01 -9.75
C GLU A 76 5.37 -7.00 -8.44
N VAL A 77 4.34 -6.16 -8.40
CA VAL A 77 3.49 -6.01 -7.23
C VAL A 77 2.05 -6.33 -7.60
N ASP A 78 1.34 -7.00 -6.71
CA ASP A 78 -0.09 -7.18 -6.84
C ASP A 78 -0.71 -7.24 -5.44
N TYR A 79 -2.02 -7.50 -5.34
CA TYR A 79 -2.69 -7.49 -4.06
C TYR A 79 -3.86 -8.42 -4.00
N VAL A 80 -4.25 -8.76 -2.81
CA VAL A 80 -5.29 -9.72 -2.59
C VAL A 80 -6.09 -9.25 -1.38
N HIS A 81 -7.34 -9.68 -1.25
CA HIS A 81 -8.15 -9.34 -0.06
C HIS A 81 -9.20 -10.43 0.28
N ALA A 82 -9.12 -10.96 1.51
CA ALA A 82 -9.98 -12.01 2.00
C ALA A 82 -10.36 -11.77 3.46
N THR A 83 -11.59 -12.14 3.84
CA THR A 83 -12.03 -11.97 5.22
C THR A 83 -12.56 -13.29 5.81
N ARG A 84 -12.61 -13.32 7.13
CA ARG A 84 -12.97 -14.47 7.87
C ARG A 84 -13.81 -14.16 9.08
N TYR A 85 -14.81 -15.00 9.34
CA TYR A 85 -15.54 -15.02 10.64
C TYR A 85 -14.64 -15.59 11.72
N ARG A 86 -14.69 -15.01 12.91
CA ARG A 86 -13.94 -15.50 14.06
C ARG A 86 -14.32 -16.97 14.35
N GLY A 87 -15.58 -17.31 14.08
CA GLY A 87 -16.06 -18.68 14.25
C GLY A 87 -15.47 -19.70 13.29
N ASP A 88 -15.11 -19.27 12.08
CA ASP A 88 -14.50 -20.15 11.07
C ASP A 88 -13.04 -20.45 11.45
N LEU A 89 -12.87 -21.53 12.21
CA LEU A 89 -11.57 -21.94 12.75
C LEU A 89 -10.75 -22.72 11.74
N THR A 90 -11.36 -23.06 10.61
CA THR A 90 -10.69 -23.86 9.59
C THR A 90 -10.14 -23.03 8.43
N GLY A 91 -10.80 -21.93 8.10
CA GLY A 91 -10.43 -21.14 6.92
C GLY A 91 -11.05 -21.72 5.67
N GLY A 92 -12.05 -22.57 5.86
CA GLY A 92 -12.76 -23.19 4.76
C GLY A 92 -13.85 -22.31 4.23
N ASP A 93 -14.29 -21.34 5.05
CA ASP A 93 -15.37 -20.40 4.70
C ASP A 93 -14.91 -18.93 4.64
N ILE A 94 -13.71 -18.68 4.11
CA ILE A 94 -13.26 -17.30 3.96
C ILE A 94 -13.97 -16.59 2.80
N LEU A 95 -14.29 -15.33 3.01
CA LEU A 95 -14.92 -14.52 1.98
C LEU A 95 -13.82 -13.77 1.20
N TRP A 96 -13.73 -14.05 -0.09
CA TRP A 96 -12.87 -13.36 -1.02
C TRP A 96 -13.50 -12.06 -1.55
N LYS A 97 -12.72 -10.98 -1.49
CA LYS A 97 -13.08 -9.70 -2.06
C LYS A 97 -12.24 -9.51 -3.27
N VAL A 98 -10.93 -9.78 -3.17
CA VAL A 98 -10.06 -9.77 -4.34
C VAL A 98 -9.27 -11.05 -4.36
N ARG A 99 -9.44 -11.83 -5.42
CA ARG A 99 -8.85 -13.13 -5.56
C ARG A 99 -7.49 -13.04 -6.22
N PRO A 100 -6.59 -14.01 -5.91
CA PRO A 100 -5.37 -14.20 -6.65
C PRO A 100 -5.67 -14.39 -8.12
N SER A 101 -4.82 -13.86 -8.97
CA SER A 101 -4.99 -13.98 -10.39
C SER A 101 -4.34 -15.24 -10.94
N SER A 102 -4.83 -15.66 -12.10
CA SER A 102 -4.28 -16.80 -12.87
C SER A 102 -2.85 -16.54 -13.40
N ASN A 103 -2.48 -15.30 -13.57
CA ASN A 103 -1.09 -14.92 -13.88
C ASN A 103 -0.03 -15.36 -12.86
N LEU A 104 -0.45 -15.71 -11.68
CA LEU A 104 0.49 -16.19 -10.70
C LEU A 104 0.97 -17.61 -11.03
N ALA A 105 0.39 -18.22 -12.04
CA ALA A 105 0.75 -19.59 -12.41
C ALA A 105 2.23 -19.65 -12.80
N GLY A 106 2.97 -20.61 -12.21
CA GLY A 106 4.40 -20.74 -12.46
C GLY A 106 5.31 -19.65 -11.87
N ARG A 107 4.76 -18.73 -11.06
CA ARG A 107 5.57 -17.64 -10.50
C ARG A 107 6.00 -17.92 -9.09
N THR A 108 7.12 -17.31 -8.71
CA THR A 108 7.46 -17.20 -7.31
C THR A 108 6.69 -16.02 -6.72
N VAL A 109 6.06 -16.19 -5.57
CA VAL A 109 5.23 -15.21 -4.98
C VAL A 109 5.68 -14.96 -3.55
N LEU A 110 5.70 -13.68 -3.17
CA LEU A 110 5.92 -13.30 -1.79
C LEU A 110 4.69 -12.57 -1.28
N VAL A 111 4.11 -13.12 -0.22
CA VAL A 111 2.91 -12.58 0.35
C VAL A 111 3.26 -11.75 1.55
N VAL A 112 2.76 -10.51 1.61
CA VAL A 112 3.14 -9.59 2.67
C VAL A 112 1.91 -9.14 3.44
N ASP A 113 1.95 -9.36 4.75
CA ASP A 113 0.96 -8.89 5.66
C ASP A 113 1.60 -8.18 6.89
N ASP A 114 0.76 -7.49 7.64
CA ASP A 114 1.23 -6.78 8.81
C ASP A 114 1.64 -7.70 9.97
N ILE A 115 0.78 -8.65 10.30
CA ILE A 115 1.03 -9.40 11.50
C ILE A 115 0.62 -10.87 11.38
N LEU A 116 1.48 -11.74 11.86
CA LEU A 116 1.10 -13.14 12.08
C LEU A 116 0.53 -13.32 13.50
N ASP A 117 -0.79 -13.47 13.54
CA ASP A 117 -1.57 -13.61 14.77
C ASP A 117 -2.57 -14.79 14.60
N GLY A 118 -2.07 -15.99 14.79
CA GLY A 118 -2.84 -17.15 14.36
C GLY A 118 -2.58 -17.41 12.89
N GLY A 119 -2.91 -16.46 12.04
CA GLY A 119 -2.67 -16.59 10.57
C GLY A 119 -3.55 -17.57 9.82
N ILE A 120 -4.77 -17.79 10.31
CA ILE A 120 -5.69 -18.68 9.62
C ILE A 120 -5.99 -18.09 8.26
N THR A 121 -6.36 -16.84 8.22
CA THR A 121 -6.71 -16.23 6.91
C THR A 121 -5.48 -16.23 6.04
N LEU A 122 -4.34 -15.90 6.63
CA LEU A 122 -3.14 -15.83 5.84
C LEU A 122 -2.78 -17.20 5.19
N ALA A 123 -2.96 -18.29 5.94
CA ALA A 123 -2.75 -19.63 5.40
C ALA A 123 -3.71 -19.98 4.27
N ALA A 124 -4.98 -19.63 4.44
CA ALA A 124 -5.95 -19.83 3.36
C ALA A 124 -5.60 -19.07 2.10
N ILE A 125 -5.11 -17.86 2.26
CA ILE A 125 -4.70 -17.06 1.11
C ILE A 125 -3.55 -17.71 0.39
N ILE A 126 -2.60 -18.16 1.18
CA ILE A 126 -1.42 -18.84 0.64
C ILE A 126 -1.78 -20.11 -0.13
N ASN A 127 -2.68 -20.90 0.47
CA ASN A 127 -3.12 -22.14 -0.17
C ASN A 127 -3.88 -21.87 -1.43
N GLU A 128 -4.69 -20.81 -1.43
CA GLU A 128 -5.38 -20.42 -2.66
C GLU A 128 -4.43 -19.96 -3.77
N ILE A 129 -3.34 -19.32 -3.40
CA ILE A 129 -2.31 -18.93 -4.38
C ILE A 129 -1.62 -20.18 -4.96
N LYS A 130 -1.28 -21.13 -4.11
CA LYS A 130 -0.80 -22.40 -4.59
C LYS A 130 -1.78 -23.07 -5.56
N ALA A 131 -3.07 -22.97 -5.26
CA ALA A 131 -4.08 -23.62 -6.12
C ALA A 131 -4.20 -22.93 -7.50
N MET A 132 -3.79 -21.67 -7.62
CA MET A 132 -3.74 -20.98 -8.92
C MET A 132 -2.46 -21.33 -9.67
N GLY A 133 -1.63 -22.18 -9.09
CA GLY A 133 -0.50 -22.73 -9.81
C GLY A 133 0.82 -22.03 -9.53
N ALA A 134 0.93 -21.22 -8.49
CA ALA A 134 2.23 -20.59 -8.18
C ALA A 134 3.28 -21.64 -7.99
N ALA A 135 4.47 -21.40 -8.50
CA ALA A 135 5.56 -22.33 -8.29
C ALA A 135 6.02 -22.36 -6.82
N GLU A 136 6.15 -21.19 -6.17
CA GLU A 136 6.60 -21.08 -4.76
C GLU A 136 5.90 -19.92 -4.07
N VAL A 137 5.55 -20.11 -2.81
CA VAL A 137 5.00 -19.07 -2.03
C VAL A 137 5.80 -18.84 -0.76
N TYR A 138 6.24 -17.60 -0.59
CA TYR A 138 6.88 -17.16 0.62
C TYR A 138 6.00 -16.14 1.34
N SER A 139 6.22 -16.01 2.63
CA SER A 139 5.43 -15.17 3.46
C SER A 139 6.28 -14.25 4.27
N ALA A 140 5.86 -13.01 4.30
CA ALA A 140 6.54 -12.00 5.07
C ALA A 140 5.55 -11.23 5.95
N VAL A 141 6.02 -10.91 7.13
CA VAL A 141 5.17 -10.33 8.10
C VAL A 141 5.99 -9.35 8.92
N LEU A 142 5.45 -8.16 9.13
CA LEU A 142 6.12 -7.16 9.90
C LEU A 142 6.25 -7.58 11.36
N VAL A 143 5.19 -8.13 11.93
CA VAL A 143 5.26 -8.61 13.27
C VAL A 143 4.72 -10.00 13.38
N ASP A 144 5.38 -10.80 14.20
CA ASP A 144 4.91 -12.14 14.48
C ASP A 144 4.64 -12.30 15.97
N LYS A 145 3.43 -12.72 16.29
CA LYS A 145 3.14 -13.14 17.65
C LYS A 145 3.67 -14.56 17.80
N TYR A 146 4.98 -14.63 17.99
CA TYR A 146 5.70 -15.89 17.86
C TYR A 146 5.26 -17.04 18.80
N ARG A 147 4.61 -16.75 19.92
CA ARG A 147 4.16 -17.81 20.84
C ARG A 147 2.76 -18.23 20.60
N LYS A 148 2.06 -17.58 19.68
CA LYS A 148 0.69 -17.96 19.40
C LYS A 148 0.54 -18.60 18.03
N ARG A 149 0.20 -19.87 18.08
CA ARG A 149 -0.01 -20.70 16.92
C ARG A 149 -1.31 -21.44 17.14
N VAL A 150 -2.06 -21.61 16.08
CA VAL A 150 -3.37 -22.23 16.15
C VAL A 150 -3.49 -23.23 15.00
N PRO A 151 -4.35 -24.22 15.19
CA PRO A 151 -4.64 -25.15 14.13
C PRO A 151 -5.15 -24.43 12.91
N ASN A 152 -4.73 -24.91 11.75
CA ASN A 152 -5.06 -24.29 10.46
C ASN A 152 -4.40 -22.92 10.18
N GLY A 153 -3.59 -22.44 11.12
CA GLY A 153 -2.95 -21.15 11.02
C GLY A 153 -1.60 -21.28 10.33
N LEU A 154 -0.99 -20.17 9.93
CA LEU A 154 0.30 -20.30 9.31
C LEU A 154 1.27 -20.64 10.39
N GLN A 155 2.02 -21.70 10.19
CA GLN A 155 2.90 -22.21 11.23
C GLN A 155 4.20 -21.49 11.40
N LYS A 156 4.74 -20.99 10.31
CA LYS A 156 5.94 -20.16 10.36
C LYS A 156 6.03 -19.25 9.13
N ALA A 157 6.38 -17.98 9.32
CA ALA A 157 6.59 -17.08 8.19
C ALA A 157 8.04 -17.18 7.78
N ASP A 158 8.32 -17.04 6.49
CA ASP A 158 9.69 -17.04 6.00
C ASP A 158 10.48 -15.80 6.46
N PHE A 159 9.79 -14.66 6.53
CA PHE A 159 10.45 -13.39 6.91
C PHE A 159 9.61 -12.69 7.97
N VAL A 160 10.25 -12.29 9.07
CA VAL A 160 9.60 -11.67 10.20
C VAL A 160 10.43 -10.45 10.60
N GLY A 161 9.78 -9.28 10.69
CA GLY A 161 10.48 -8.11 11.18
C GLY A 161 10.76 -8.13 12.68
N LEU A 162 9.72 -8.33 13.46
CA LEU A 162 9.79 -8.24 14.92
C LEU A 162 8.91 -9.33 15.56
N GLN A 163 9.45 -9.92 16.60
CA GLN A 163 8.76 -10.91 17.39
C GLN A 163 8.20 -10.22 18.63
N VAL A 164 6.92 -10.46 18.91
CA VAL A 164 6.25 -9.85 20.05
C VAL A 164 5.38 -10.83 20.81
N GLU A 165 5.02 -10.45 22.05
CA GLU A 165 4.12 -11.20 22.92
C GLU A 165 2.72 -10.92 22.49
N ASP A 166 1.74 -11.61 23.04
CA ASP A 166 0.36 -11.44 22.58
C ASP A 166 -0.38 -10.20 23.14
N HIS A 167 0.19 -9.01 22.92
CA HIS A 167 -0.47 -7.78 23.34
C HIS A 167 -1.55 -7.37 22.40
N TYR A 168 -2.41 -6.44 22.84
CA TYR A 168 -3.29 -5.69 21.92
C TYR A 168 -2.37 -4.64 21.32
N ILE A 169 -2.06 -4.76 20.03
CA ILE A 169 -1.13 -3.80 19.44
C ILE A 169 -1.69 -3.15 18.19
N PHE A 170 -1.13 -1.98 17.89
CA PHE A 170 -1.47 -1.30 16.68
C PHE A 170 -0.30 -0.54 16.13
N GLY A 171 -0.47 -0.05 14.91
CA GLY A 171 0.48 0.87 14.31
C GLY A 171 1.22 0.29 13.13
N TYR A 172 1.78 1.21 12.35
CA TYR A 172 2.60 0.86 11.19
C TYR A 172 1.90 -0.18 10.30
N GLY A 173 0.66 0.14 10.00
CA GLY A 173 -0.20 -0.72 9.17
C GLY A 173 -1.17 -1.58 9.95
N MET A 174 -0.92 -1.81 11.24
CA MET A 174 -1.88 -2.57 12.07
C MET A 174 -2.94 -1.66 12.66
N ASP A 175 -4.21 -2.03 12.48
CA ASP A 175 -5.32 -1.15 12.89
C ASP A 175 -5.83 -1.50 14.29
N TYR A 176 -6.46 -0.53 14.90
CA TYR A 176 -7.31 -0.72 16.04
C TYR A 176 -8.71 -0.25 15.58
N HIS A 177 -9.55 -1.19 15.27
CA HIS A 177 -10.84 -0.93 14.70
C HIS A 177 -10.79 -0.01 13.47
N GLU A 178 -9.87 -0.32 12.54
CA GLU A 178 -9.69 0.41 11.28
C GLU A 178 -8.93 1.77 11.42
N TYR A 179 -8.75 2.22 12.67
CA TYR A 179 -7.95 3.38 12.95
C TYR A 179 -6.53 3.01 13.31
N LEU A 180 -5.69 4.04 13.39
CA LEU A 180 -4.34 3.89 13.99
C LEU A 180 -3.33 3.07 13.20
N ARG A 181 -3.61 2.77 11.95
CA ARG A 181 -2.61 2.15 11.07
C ARG A 181 -1.50 3.13 10.78
N ASN A 182 -1.84 4.41 10.90
CA ASN A 182 -0.86 5.51 10.71
C ASN A 182 0.01 5.85 11.93
N ALA A 183 -0.17 5.17 13.06
CA ALA A 183 0.69 5.43 14.20
C ALA A 183 2.14 5.03 13.90
N PRO A 184 3.09 5.92 14.24
CA PRO A 184 4.48 5.78 13.79
C PRO A 184 5.33 4.88 14.70
N GLY A 185 5.04 3.59 14.70
CA GLY A 185 5.68 2.67 15.58
C GLY A 185 4.72 1.57 15.89
N ILE A 186 5.05 0.75 16.87
CA ILE A 186 4.23 -0.29 17.39
C ILE A 186 3.85 0.01 18.82
N PHE A 187 2.56 0.06 19.07
CA PHE A 187 2.02 0.47 20.33
C PHE A 187 1.08 -0.59 20.96
N ILE A 188 1.07 -0.62 22.28
CA ILE A 188 0.23 -1.47 23.08
C ILE A 188 -0.89 -0.62 23.71
N VAL A 189 -2.09 -1.11 23.52
CA VAL A 189 -3.27 -0.52 24.07
C VAL A 189 -3.30 -0.70 25.60
N HIS A 190 -3.61 0.38 26.32
CA HIS A 190 -3.64 0.38 27.79
C HIS A 190 -4.77 -0.53 28.28
N PRO A 191 -4.49 -1.33 29.30
CA PRO A 191 -5.51 -2.20 29.91
C PRO A 191 -6.86 -1.49 30.29
N ASP A 192 -6.84 -0.22 30.67
CA ASP A 192 -8.14 0.51 30.79
C ASP A 192 -9.01 0.55 29.55
N HIS A 193 -8.41 0.50 28.37
CA HIS A 193 -9.15 0.43 27.09
C HIS A 193 -9.36 -0.98 26.58
N GLU A 194 -8.47 -1.90 26.96
CA GLU A 194 -8.57 -3.32 26.54
C GLU A 194 -8.11 -4.24 27.67
N ALA A 195 -9.09 -4.75 28.42
CA ALA A 195 -8.86 -5.61 29.59
C ALA A 195 -8.73 -7.04 29.18
N SER A 196 -7.89 -7.81 29.87
CA SER A 196 -7.81 -9.27 29.61
C SER A 196 -8.28 -10.02 30.85
N HIS B 8 15.41 -17.61 -24.87
CA HIS B 8 15.19 -16.24 -25.41
C HIS B 8 15.44 -15.22 -24.34
N MET B 9 15.37 -13.95 -24.73
CA MET B 9 15.66 -12.91 -23.81
C MET B 9 14.56 -12.73 -22.78
N THR B 10 15.04 -12.53 -21.56
CA THR B 10 14.22 -12.59 -20.36
C THR B 10 13.74 -11.18 -19.98
N ILE B 11 12.53 -11.10 -19.46
CA ILE B 11 11.99 -9.84 -18.99
C ILE B 11 12.81 -9.24 -17.83
N PRO B 12 13.16 -10.06 -16.78
CA PRO B 12 14.04 -9.46 -15.78
C PRO B 12 15.39 -8.92 -16.26
N ASP B 13 16.01 -9.56 -17.25
CA ASP B 13 17.25 -9.02 -17.85
C ASP B 13 17.02 -7.72 -18.56
N LYS B 14 15.92 -7.61 -19.29
CA LYS B 14 15.58 -6.34 -19.91
C LYS B 14 15.29 -5.23 -18.90
N ILE B 15 14.60 -5.58 -17.81
CA ILE B 15 14.35 -4.65 -16.73
C ILE B 15 15.63 -4.12 -16.12
N LYS B 16 16.58 -5.03 -15.89
CA LYS B 16 17.88 -4.61 -15.36
C LYS B 16 18.57 -3.65 -16.27
N ALA B 17 18.50 -3.89 -17.57
CA ALA B 17 19.10 -2.96 -18.54
C ALA B 17 18.40 -1.59 -18.54
N VAL B 18 17.08 -1.58 -18.49
CA VAL B 18 16.35 -0.31 -18.43
C VAL B 18 16.74 0.51 -17.21
N TYR B 19 16.76 -0.13 -16.07
CA TYR B 19 17.13 0.53 -14.82
C TYR B 19 18.60 1.04 -14.86
N GLU B 20 19.49 0.18 -15.31
CA GLU B 20 20.91 0.48 -15.45
C GLU B 20 21.14 1.70 -16.36
N LYS B 21 20.40 1.83 -17.44
CA LYS B 21 20.62 2.95 -18.34
C LYS B 21 19.79 4.20 -17.97
N SER B 22 18.86 4.07 -17.01
CA SER B 22 17.98 5.18 -16.66
C SER B 22 18.73 6.35 -16.06
N THR B 23 18.15 7.53 -16.05
CA THR B 23 18.79 8.63 -15.33
C THR B 23 17.95 9.04 -14.09
N CYS B 24 18.65 9.37 -13.01
CA CYS B 24 18.00 9.73 -11.78
C CYS B 24 17.62 11.18 -11.78
N LEU B 25 16.33 11.43 -11.67
CA LEU B 25 15.77 12.76 -11.58
C LEU B 25 15.72 13.24 -10.12
N TYR B 26 15.34 12.37 -9.21
CA TYR B 26 15.31 12.69 -7.78
C TYR B 26 15.80 11.51 -6.94
N THR B 27 16.60 11.81 -5.92
CA THR B 27 17.01 10.75 -5.02
C THR B 27 15.87 10.32 -4.10
N SER B 28 16.05 9.17 -3.47
CA SER B 28 15.08 8.73 -2.52
C SER B 28 14.92 9.76 -1.39
N ASN B 29 16.04 10.35 -0.94
CA ASN B 29 16.00 11.38 0.10
C ASN B 29 15.13 12.55 -0.29
N GLU B 30 15.24 12.99 -1.54
CA GLU B 30 14.42 14.09 -2.03
C GLU B 30 12.94 13.72 -2.08
N VAL B 31 12.65 12.47 -2.40
CA VAL B 31 11.31 12.01 -2.41
C VAL B 31 10.73 11.99 -1.01
N GLU B 32 11.47 11.47 -0.05
CA GLU B 32 11.04 11.48 1.34
C GLU B 32 10.80 12.91 1.77
N ALA B 33 11.64 13.83 1.32
CA ALA B 33 11.47 15.25 1.74
C ALA B 33 10.19 15.85 1.16
N ALA B 34 9.85 15.42 -0.05
CA ALA B 34 8.59 15.82 -0.66
C ALA B 34 7.33 15.24 0.06
N LEU B 35 7.42 14.00 0.51
CA LEU B 35 6.42 13.41 1.38
C LEU B 35 6.22 14.17 2.72
N ASP B 36 7.32 14.60 3.34
CA ASP B 36 7.23 15.44 4.54
C ASP B 36 6.45 16.73 4.29
N ARG B 37 6.74 17.41 3.19
CA ARG B 37 6.02 18.60 2.87
C ARG B 37 4.56 18.33 2.64
N MET B 38 4.23 17.30 1.88
CA MET B 38 2.84 16.93 1.68
C MET B 38 2.09 16.72 3.00
N ALA B 39 2.74 15.98 3.90
CA ALA B 39 2.14 15.61 5.16
C ALA B 39 1.75 16.85 5.95
N ILE B 40 2.60 17.86 5.93
CA ILE B 40 2.35 19.07 6.67
C ILE B 40 1.10 19.74 6.14
N LYS B 41 0.99 19.79 4.84
CA LYS B 41 -0.14 20.43 4.21
C LYS B 41 -1.43 19.65 4.43
N ILE B 42 -1.33 18.32 4.38
CA ILE B 42 -2.49 17.47 4.50
C ILE B 42 -3.03 17.57 5.92
N HIS B 43 -2.12 17.67 6.87
CA HIS B 43 -2.46 17.83 8.26
C HIS B 43 -3.28 19.13 8.48
N GLU B 44 -2.80 20.24 7.92
CA GLU B 44 -3.43 21.54 8.09
C GLU B 44 -4.87 21.47 7.60
N THR B 45 -5.10 20.77 6.51
CA THR B 45 -6.40 20.70 5.90
C THR B 45 -7.33 19.68 6.54
N LEU B 46 -6.78 18.54 6.97
CA LEU B 46 -7.61 17.36 7.22
C LEU B 46 -7.64 16.88 8.66
N GLN B 47 -6.79 17.39 9.51
CA GLN B 47 -6.60 16.80 10.82
C GLN B 47 -7.92 16.62 11.61
N ASP B 48 -8.86 17.56 11.47
CA ASP B 48 -10.13 17.50 12.21
C ASP B 48 -11.27 16.88 11.43
N LYS B 49 -10.98 16.25 10.27
CA LYS B 49 -12.03 15.76 9.38
C LYS B 49 -12.27 14.26 9.37
N ASN B 50 -11.52 13.49 10.16
CA ASN B 50 -11.78 12.03 10.23
C ASN B 50 -11.85 11.38 8.84
N PRO B 51 -10.87 11.67 7.98
CA PRO B 51 -10.91 11.18 6.59
C PRO B 51 -10.72 9.67 6.40
N VAL B 52 -11.37 9.15 5.36
CA VAL B 52 -10.99 7.94 4.73
C VAL B 52 -9.93 8.23 3.64
N ILE B 53 -8.77 7.61 3.78
CA ILE B 53 -7.69 7.76 2.82
C ILE B 53 -7.66 6.59 1.91
N ILE B 54 -7.84 6.86 0.63
CA ILE B 54 -8.06 5.82 -0.36
C ILE B 54 -6.90 5.73 -1.31
N CYS B 55 -6.32 4.57 -1.33
CA CYS B 55 -5.25 4.27 -2.23
C CYS B 55 -5.75 3.90 -3.60
N VAL B 56 -5.23 4.54 -4.62
CA VAL B 56 -5.57 4.20 -5.99
C VAL B 56 -4.58 3.15 -6.53
N MET B 57 -5.05 1.92 -6.66
CA MET B 57 -4.18 0.80 -6.97
C MET B 57 -3.76 0.82 -8.41
N VAL B 58 -2.56 0.33 -8.70
CA VAL B 58 -1.57 -0.23 -7.77
C VAL B 58 -0.55 0.85 -7.44
N GLY B 59 -0.50 1.88 -8.26
CA GLY B 59 0.50 2.93 -8.14
C GLY B 59 0.48 3.73 -6.84
N GLY B 60 -0.69 3.90 -6.25
CA GLY B 60 -0.81 4.63 -4.97
C GLY B 60 -0.14 3.94 -3.77
N LEU B 61 0.21 2.67 -3.91
CA LEU B 61 0.59 1.86 -2.77
C LEU B 61 1.90 2.31 -2.12
N VAL B 62 2.93 2.54 -2.90
CA VAL B 62 4.22 2.93 -2.30
C VAL B 62 4.09 4.27 -1.69
N PRO B 63 3.58 5.24 -2.45
CA PRO B 63 3.49 6.59 -1.86
C PRO B 63 2.62 6.63 -0.63
N LEU B 64 1.48 5.95 -0.67
CA LEU B 64 0.57 5.98 0.48
CA LEU B 64 0.57 5.97 0.46
C LEU B 64 1.20 5.34 1.71
N GLY B 65 1.78 4.16 1.55
CA GLY B 65 2.38 3.50 2.71
C GLY B 65 3.48 4.35 3.37
N ASN B 66 4.25 5.05 2.57
CA ASN B 66 5.27 5.93 3.12
C ASN B 66 4.72 7.21 3.72
N LEU B 67 3.60 7.68 3.20
CA LEU B 67 2.98 8.90 3.71
C LEU B 67 2.23 8.67 5.03
N LEU B 68 1.73 7.48 5.21
CA LEU B 68 0.72 7.26 6.22
C LEU B 68 1.26 7.51 7.62
N HIS B 69 2.44 6.99 7.90
CA HIS B 69 2.99 7.18 9.25
C HIS B 69 3.51 8.61 9.54
N ARG B 70 3.43 9.50 8.57
CA ARG B 70 3.72 10.91 8.79
C ARG B 70 2.44 11.70 9.17
N LEU B 71 1.26 11.09 9.02
CA LEU B 71 0.00 11.79 9.23
C LEU B 71 -0.51 11.59 10.67
N ASP B 72 -0.39 12.60 11.50
CA ASP B 72 -0.68 12.50 12.92
C ASP B 72 -2.11 12.98 13.25
N PHE B 73 -3.10 12.24 12.79
CA PHE B 73 -4.49 12.51 13.12
C PHE B 73 -5.27 11.23 12.84
N PRO B 74 -6.47 11.10 13.42
CA PRO B 74 -7.28 9.93 13.20
C PRO B 74 -7.76 9.82 11.78
N LEU B 75 -7.65 8.62 11.22
CA LEU B 75 -7.97 8.35 9.81
C LEU B 75 -8.12 6.86 9.61
N GLU B 76 -8.84 6.51 8.54
CA GLU B 76 -9.05 5.14 8.12
C GLU B 76 -8.47 5.04 6.71
N VAL B 77 -8.21 3.81 6.27
CA VAL B 77 -7.62 3.57 4.99
C VAL B 77 -8.49 2.63 4.20
N ASP B 78 -8.59 2.86 2.89
CA ASP B 78 -9.23 1.95 1.99
C ASP B 78 -8.56 2.04 0.58
N TYR B 79 -9.07 1.32 -0.40
CA TYR B 79 -8.48 1.32 -1.72
C TYR B 79 -9.49 1.11 -2.83
N VAL B 80 -9.08 1.45 -4.04
CA VAL B 80 -9.96 1.47 -5.18
C VAL B 80 -9.08 1.09 -6.35
N HIS B 81 -9.71 0.53 -7.41
CA HIS B 81 -8.98 0.15 -8.63
C HIS B 81 -9.83 0.27 -9.89
N ALA B 82 -9.40 1.16 -10.75
CA ALA B 82 -10.06 1.38 -12.04
C ALA B 82 -9.01 1.48 -13.14
N THR B 83 -9.35 1.01 -14.34
CA THR B 83 -8.50 1.19 -15.49
C THR B 83 -9.27 1.79 -16.66
N ARG B 84 -8.53 2.34 -17.59
CA ARG B 84 -9.13 2.98 -18.71
C ARG B 84 -8.36 2.63 -19.97
N TYR B 85 -9.09 2.46 -21.05
CA TYR B 85 -8.51 2.48 -22.42
C TYR B 85 -8.07 3.88 -22.78
N ARG B 86 -6.91 3.97 -23.40
CA ARG B 86 -6.40 5.30 -23.82
C ARG B 86 -7.38 6.00 -24.77
N GLY B 87 -8.03 5.20 -25.61
CA GLY B 87 -8.95 5.75 -26.56
C GLY B 87 -10.21 6.33 -25.96
N ASP B 88 -10.57 5.88 -24.74
CA ASP B 88 -11.71 6.42 -23.97
C ASP B 88 -11.39 7.79 -23.41
N LEU B 89 -11.65 8.83 -24.22
CA LEU B 89 -11.31 10.22 -23.87
C LEU B 89 -12.19 10.90 -22.79
N THR B 90 -13.36 10.35 -22.57
CA THR B 90 -14.31 10.92 -21.63
C THR B 90 -14.11 10.37 -20.22
N GLY B 91 -13.65 9.15 -20.11
CA GLY B 91 -13.62 8.47 -18.81
C GLY B 91 -14.93 7.73 -18.53
N GLY B 92 -15.76 7.59 -19.55
CA GLY B 92 -17.09 6.97 -19.43
C GLY B 92 -17.07 5.46 -19.59
N ASP B 93 -16.02 4.91 -20.18
CA ASP B 93 -15.84 3.43 -20.37
C ASP B 93 -14.89 2.76 -19.35
N ILE B 94 -14.74 3.38 -18.19
CA ILE B 94 -13.78 2.97 -17.20
C ILE B 94 -14.06 1.52 -16.79
N LEU B 95 -13.01 0.74 -16.63
CA LEU B 95 -13.10 -0.62 -16.13
C LEU B 95 -12.83 -0.59 -14.66
N TRP B 96 -13.85 -0.93 -13.87
CA TRP B 96 -13.74 -1.01 -12.44
C TRP B 96 -13.32 -2.40 -12.06
N LYS B 97 -12.31 -2.49 -11.20
CA LYS B 97 -11.92 -3.76 -10.60
C LYS B 97 -12.31 -3.73 -9.12
N VAL B 98 -12.05 -2.62 -8.45
CA VAL B 98 -12.54 -2.42 -7.09
C VAL B 98 -13.24 -1.06 -7.00
N ARG B 99 -14.51 -1.08 -6.66
CA ARG B 99 -15.34 0.10 -6.63
C ARG B 99 -15.30 0.74 -5.26
N PRO B 100 -15.50 2.04 -5.21
CA PRO B 100 -15.73 2.74 -3.96
C PRO B 100 -16.88 2.11 -3.17
N SER B 101 -16.73 2.06 -1.87
CA SER B 101 -17.73 1.48 -1.02
C SER B 101 -18.82 2.48 -0.62
N SER B 102 -19.97 1.92 -0.24
CA SER B 102 -21.09 2.70 0.34
C SER B 102 -20.81 3.37 1.68
N ASN B 103 -19.89 2.80 2.43
CA ASN B 103 -19.37 3.43 3.65
C ASN B 103 -18.82 4.85 3.46
N LEU B 104 -18.50 5.22 2.23
CA LEU B 104 -17.95 6.57 2.01
C LEU B 104 -18.99 7.68 2.14
N ALA B 105 -20.27 7.29 2.28
CA ALA B 105 -21.36 8.26 2.38
C ALA B 105 -21.21 9.15 3.60
N GLY B 106 -21.25 10.47 3.41
CA GLY B 106 -20.97 11.44 4.47
C GLY B 106 -19.51 11.66 4.90
N ARG B 107 -18.56 10.95 4.28
CA ARG B 107 -17.14 11.04 4.76
C ARG B 107 -16.30 12.04 3.95
N THR B 108 -15.32 12.60 4.60
CA THR B 108 -14.27 13.29 3.89
C THR B 108 -13.30 12.21 3.40
N VAL B 109 -12.91 12.30 2.14
CA VAL B 109 -12.09 11.32 1.49
C VAL B 109 -10.89 11.98 0.88
N LEU B 110 -9.72 11.38 1.08
CA LEU B 110 -8.51 11.78 0.40
C LEU B 110 -8.04 10.64 -0.50
N VAL B 111 -7.95 10.94 -1.79
CA VAL B 111 -7.60 9.95 -2.79
C VAL B 111 -6.10 10.12 -3.07
N VAL B 112 -5.31 9.05 -3.00
CA VAL B 112 -3.87 9.12 -3.17
C VAL B 112 -3.38 8.24 -4.32
N ASP B 113 -2.69 8.87 -5.27
CA ASP B 113 -2.15 8.19 -6.46
C ASP B 113 -0.68 8.60 -6.65
N ASP B 114 0.01 7.83 -7.48
CA ASP B 114 1.44 8.11 -7.74
C ASP B 114 1.61 9.37 -8.57
N ILE B 115 0.86 9.48 -9.65
CA ILE B 115 1.16 10.54 -10.60
C ILE B 115 -0.07 11.16 -11.24
N LEU B 116 -0.09 12.48 -11.32
CA LEU B 116 -1.05 13.19 -12.14
C LEU B 116 -0.48 13.40 -13.53
N ASP B 117 -0.99 12.62 -14.47
CA ASP B 117 -0.55 12.62 -15.87
C ASP B 117 -1.82 12.66 -16.75
N GLY B 118 -2.35 13.85 -17.01
CA GLY B 118 -3.68 13.99 -17.60
C GLY B 118 -4.77 13.87 -16.53
N GLY B 119 -4.83 12.73 -15.87
CA GLY B 119 -5.77 12.51 -14.79
C GLY B 119 -7.22 12.30 -15.22
N ILE B 120 -7.48 11.83 -16.44
CA ILE B 120 -8.85 11.48 -16.84
C ILE B 120 -9.36 10.37 -15.96
N THR B 121 -8.57 9.34 -15.77
CA THR B 121 -9.02 8.23 -14.94
C THR B 121 -9.12 8.60 -13.47
N LEU B 122 -8.21 9.42 -12.99
CA LEU B 122 -8.30 9.88 -11.62
C LEU B 122 -9.59 10.70 -11.41
N ALA B 123 -9.96 11.51 -12.41
CA ALA B 123 -11.17 12.36 -12.30
C ALA B 123 -12.43 11.50 -12.27
N ALA B 124 -12.45 10.48 -13.09
CA ALA B 124 -13.58 9.55 -13.03
C ALA B 124 -13.71 8.85 -11.67
N ILE B 125 -12.59 8.48 -11.07
CA ILE B 125 -12.61 7.81 -9.78
C ILE B 125 -13.18 8.75 -8.71
N ILE B 126 -12.71 9.97 -8.77
CA ILE B 126 -13.17 10.98 -7.83
C ILE B 126 -14.69 11.21 -7.99
N ASN B 127 -15.18 11.29 -9.23
CA ASN B 127 -16.57 11.59 -9.47
C ASN B 127 -17.43 10.42 -9.02
N GLU B 128 -16.95 9.21 -9.23
CA GLU B 128 -17.64 8.02 -8.70
C GLU B 128 -17.72 8.00 -7.18
N ILE B 129 -16.68 8.49 -6.51
CA ILE B 129 -16.70 8.59 -5.05
C ILE B 129 -17.73 9.62 -4.63
N LYS B 130 -17.78 10.73 -5.34
CA LYS B 130 -18.81 11.71 -5.08
C LYS B 130 -20.20 11.10 -5.24
N ALA B 131 -20.35 10.23 -6.25
CA ALA B 131 -21.64 9.63 -6.53
C ALA B 131 -22.08 8.69 -5.42
N MET B 132 -21.14 8.18 -4.64
CA MET B 132 -21.45 7.34 -3.47
C MET B 132 -21.80 8.18 -2.23
N GLY B 133 -21.84 9.49 -2.35
CA GLY B 133 -22.33 10.34 -1.26
C GLY B 133 -21.26 10.95 -0.37
N ALA B 134 -19.98 10.85 -0.75
CA ALA B 134 -18.92 11.46 0.05
C ALA B 134 -19.20 12.92 0.23
N ALA B 135 -18.89 13.45 1.39
CA ALA B 135 -19.06 14.87 1.64
C ALA B 135 -18.05 15.72 0.87
N GLU B 136 -16.79 15.31 0.88
CA GLU B 136 -15.67 16.09 0.32
C GLU B 136 -14.60 15.13 -0.20
N VAL B 137 -14.05 15.45 -1.38
CA VAL B 137 -13.00 14.65 -1.95
C VAL B 137 -11.81 15.47 -2.26
N TYR B 138 -10.68 15.08 -1.69
CA TYR B 138 -9.42 15.69 -2.00
C TYR B 138 -8.53 14.72 -2.75
N SER B 139 -7.52 15.26 -3.43
CA SER B 139 -6.59 14.46 -4.21
C SER B 139 -5.16 14.76 -3.83
N ALA B 140 -4.37 13.70 -3.74
CA ALA B 140 -2.96 13.82 -3.48
C ALA B 140 -2.17 12.96 -4.43
N VAL B 141 -1.02 13.49 -4.83
CA VAL B 141 -0.27 12.87 -5.85
C VAL B 141 1.20 13.07 -5.54
N LEU B 142 1.97 12.00 -5.67
CA LEU B 142 3.40 12.10 -5.44
C LEU B 142 4.06 12.96 -6.50
N VAL B 143 3.67 12.76 -7.75
CA VAL B 143 4.21 13.58 -8.80
C VAL B 143 3.14 14.11 -9.70
N ASP B 144 3.30 15.37 -10.06
CA ASP B 144 2.41 16.01 -11.01
C ASP B 144 3.19 16.43 -12.27
N LYS B 145 2.75 15.95 -13.42
CA LYS B 145 3.26 16.48 -14.68
C LYS B 145 2.58 17.82 -14.95
N TYR B 146 3.07 18.83 -14.28
CA TYR B 146 2.38 20.13 -14.13
C TYR B 146 2.08 20.91 -15.40
N ARG B 147 2.84 20.69 -16.46
CA ARG B 147 2.60 21.40 -17.71
C ARG B 147 1.54 20.72 -18.55
N LYS B 148 1.24 19.48 -18.24
CA LYS B 148 0.33 18.69 -19.06
C LYS B 148 -1.04 18.63 -18.43
N ARG B 149 -2.04 19.17 -19.15
CA ARG B 149 -3.42 19.11 -18.71
C ARG B 149 -4.25 18.75 -19.94
N VAL B 150 -5.34 18.01 -19.75
CA VAL B 150 -6.14 17.53 -20.85
C VAL B 150 -7.61 17.72 -20.47
N PRO B 151 -8.46 17.84 -21.51
CA PRO B 151 -9.87 17.99 -21.24
C PRO B 151 -10.36 16.76 -20.54
N ASN B 152 -11.28 16.95 -19.59
CA ASN B 152 -11.88 15.87 -18.79
C ASN B 152 -10.96 15.30 -17.75
N GLY B 153 -9.76 15.86 -17.68
CA GLY B 153 -8.77 15.40 -16.76
C GLY B 153 -8.92 16.17 -15.46
N LEU B 154 -8.17 15.74 -14.46
CA LEU B 154 -8.13 16.49 -13.24
C LEU B 154 -7.23 17.72 -13.46
N GLN B 155 -7.75 18.90 -13.22
CA GLN B 155 -7.04 20.16 -13.51
C GLN B 155 -5.99 20.52 -12.47
N LYS B 156 -6.20 20.07 -11.26
CA LYS B 156 -5.30 20.38 -10.17
C LYS B 156 -5.44 19.30 -9.10
N ALA B 157 -4.34 18.89 -8.50
CA ALA B 157 -4.40 18.08 -7.30
C ALA B 157 -4.30 18.99 -6.12
N ASP B 158 -4.95 18.65 -5.04
CA ASP B 158 -4.87 19.48 -3.82
C ASP B 158 -3.49 19.44 -3.18
N PHE B 159 -2.86 18.25 -3.21
CA PHE B 159 -1.53 18.08 -2.59
C PHE B 159 -0.58 17.40 -3.61
N VAL B 160 0.60 17.98 -3.80
CA VAL B 160 1.54 17.50 -4.81
C VAL B 160 2.92 17.45 -4.16
N GLY B 161 3.58 16.30 -4.26
CA GLY B 161 4.96 16.21 -3.80
C GLY B 161 5.97 16.95 -4.66
N LEU B 162 6.01 16.56 -5.94
CA LEU B 162 7.02 17.04 -6.89
C LEU B 162 6.38 17.37 -8.22
N GLN B 163 6.82 18.49 -8.78
CA GLN B 163 6.41 18.88 -10.11
C GLN B 163 7.49 18.49 -11.08
N VAL B 164 7.11 17.80 -12.13
CA VAL B 164 8.05 17.32 -13.14
C VAL B 164 7.59 17.66 -14.54
N GLU B 165 8.56 17.69 -15.45
CA GLU B 165 8.32 17.90 -16.88
C GLU B 165 7.82 16.59 -17.47
N ASP B 166 7.40 16.60 -18.73
CA ASP B 166 6.81 15.42 -19.32
C ASP B 166 7.89 14.45 -19.82
N HIS B 167 8.47 13.73 -18.87
CA HIS B 167 9.40 12.62 -19.13
C HIS B 167 8.73 11.28 -18.97
N TYR B 168 9.40 10.27 -19.45
CA TYR B 168 8.99 8.92 -19.26
C TYR B 168 9.68 8.45 -17.95
N ILE B 169 8.87 8.33 -16.88
CA ILE B 169 9.42 8.14 -15.54
C ILE B 169 8.91 6.92 -14.79
N PHE B 170 9.72 6.45 -13.86
CA PHE B 170 9.36 5.31 -13.05
C PHE B 170 10.00 5.45 -11.68
N GLY B 171 9.57 4.59 -10.77
CA GLY B 171 10.09 4.51 -9.45
C GLY B 171 9.16 4.98 -8.34
N TYR B 172 9.50 4.60 -7.13
CA TYR B 172 8.76 4.99 -5.95
C TYR B 172 7.24 4.85 -6.14
N GLY B 173 6.85 3.67 -6.61
CA GLY B 173 5.46 3.31 -6.92
C GLY B 173 5.08 3.36 -8.40
N MET B 174 5.84 4.05 -9.22
CA MET B 174 5.50 4.13 -10.65
C MET B 174 6.20 3.01 -11.39
N ASP B 175 5.45 2.30 -12.20
CA ASP B 175 5.99 1.11 -12.87
C ASP B 175 6.49 1.40 -14.28
N TYR B 176 7.36 0.52 -14.74
CA TYR B 176 7.72 0.34 -16.15
C TYR B 176 7.29 -1.06 -16.50
N HIS B 177 6.14 -1.17 -17.12
CA HIS B 177 5.52 -2.46 -17.43
C HIS B 177 5.41 -3.36 -16.23
N GLU B 178 4.90 -2.80 -15.15
CA GLU B 178 4.71 -3.52 -13.89
C GLU B 178 5.97 -3.66 -13.03
N TYR B 179 7.14 -3.43 -13.62
CA TYR B 179 8.38 -3.53 -12.88
C TYR B 179 8.87 -2.17 -12.40
N LEU B 180 9.90 -2.20 -11.58
CA LEU B 180 10.61 -0.97 -11.18
C LEU B 180 9.82 0.00 -10.29
N ARG B 181 8.70 -0.42 -9.71
CA ARG B 181 7.98 0.40 -8.68
C ARG B 181 8.78 0.49 -7.42
N ASN B 182 9.67 -0.49 -7.27
CA ASN B 182 10.60 -0.56 -6.18
C ASN B 182 11.90 0.25 -6.36
N ALA B 183 12.12 0.90 -7.51
CA ALA B 183 13.30 1.77 -7.66
C ALA B 183 13.27 2.94 -6.65
N PRO B 184 14.42 3.19 -5.96
CA PRO B 184 14.47 4.11 -4.84
C PRO B 184 14.73 5.57 -5.26
N GLY B 185 13.74 6.17 -5.88
CA GLY B 185 13.85 7.54 -6.35
C GLY B 185 12.94 7.65 -7.54
N ILE B 186 13.11 8.74 -8.28
CA ILE B 186 12.41 8.97 -9.53
C ILE B 186 13.43 8.94 -10.68
N PHE B 187 13.14 8.13 -11.68
CA PHE B 187 14.05 7.89 -12.80
C PHE B 187 13.41 8.13 -14.16
N ILE B 188 14.26 8.49 -15.12
CA ILE B 188 13.88 8.66 -16.49
C ILE B 188 14.50 7.58 -17.36
N VAL B 189 13.62 7.00 -18.17
CA VAL B 189 13.97 5.97 -19.11
C VAL B 189 14.92 6.53 -20.14
N HIS B 190 15.97 5.77 -20.43
CA HIS B 190 16.95 6.12 -21.43
C HIS B 190 16.28 6.20 -22.81
N PRO B 191 16.69 7.15 -23.65
CA PRO B 191 16.16 7.26 -25.02
C PRO B 191 16.21 5.95 -25.87
N ASP B 192 17.22 5.10 -25.68
CA ASP B 192 17.26 3.78 -26.33
C ASP B 192 16.06 2.91 -26.05
N HIS B 193 15.49 3.02 -24.85
CA HIS B 193 14.37 2.19 -24.43
C HIS B 193 13.04 2.93 -24.51
N GLU B 194 13.05 4.16 -25.01
CA GLU B 194 11.83 4.98 -25.10
C GLU B 194 11.29 4.67 -26.46
N ALA B 195 10.21 3.90 -26.52
CA ALA B 195 9.67 3.45 -27.82
C ALA B 195 8.94 4.57 -28.62
N SER B 196 9.70 5.36 -29.38
CA SER B 196 9.11 6.38 -30.28
C SER B 196 9.39 6.11 -31.74
#